data_5YR5
#
_entry.id   5YR5
#
_cell.length_a   47.392
_cell.length_b   77.339
_cell.length_c   47.464
_cell.angle_alpha   90.000
_cell.angle_beta   87.950
_cell.angle_gamma   90.000
#
_symmetry.space_group_name_H-M   'P 1 21 1'
#
loop_
_entity.id
_entity.type
_entity.pdbx_description
1 polymer 'Methionine aminopeptidase 1'
2 non-polymer 'COBALT (II) ION'
3 non-polymer 'SODIUM ION'
4 non-polymer '3,4-DIHYDROXY-2-METHOXY-4-METHYL-3-[2-METHYL-3-(3-METHYL-BUT-2-ENYL) -OXIRANYL]-CYCLOHEXANONE'
5 water water
#
_entity_poly.entity_id   1
_entity_poly.type   'polypeptide(L)'
_entity_poly.pdbx_seq_one_letter_code
;YRYTGKLRPHYPLMPTRPVPSYIQRPDYADHPLGMSESEQALKGTSQIKLLSSEDIEGMRLVCRLAREVLDVAAGMIKPG
VTTEEIDHAVHLACIARNCYPSPLNYYNFPKSCCTSVNEVICHGIPDRRPLQEGDIVNVDITLYRNGYHGDLNETFFVGE
VDDGARKLVQTTYECLMQAIDAVKPGVRYRELGNIIQKHAQANGFSVVRSYCGHGIHKLLHTAPNVPHYAKNKAVGVMKS
GHVFTIEPMICEGGWQDETWPDGWTAVTRDGKRSAQFEHTLLVTDTGCEILTRRLDSARPHFMS
;
_entity_poly.pdbx_strand_id   A
#
loop_
_chem_comp.id
_chem_comp.type
_chem_comp.name
_chem_comp.formula
CO non-polymer 'COBALT (II) ION' 'Co 2'
NA non-polymer 'SODIUM ION' 'Na 1'
OVA non-polymer '3,4-DIHYDROXY-2-METHOXY-4-METHYL-3-[2-METHYL-3-(3-METHYL-BUT-2-ENYL) -OXIRANYL]-CYCLOHEXANONE' 'C16 H26 O5'
#
# COMPACT_ATOMS: atom_id res chain seq x y z
N TYR A 1 -14.80 17.46 -14.95
CA TYR A 1 -14.81 16.16 -14.22
C TYR A 1 -16.05 16.05 -13.33
N ARG A 2 -16.73 14.91 -13.42
CA ARG A 2 -17.81 14.63 -12.49
C ARG A 2 -17.28 13.73 -11.38
N TYR A 3 -17.24 14.27 -10.15
CA TYR A 3 -16.83 13.50 -8.96
C TYR A 3 -17.84 12.38 -8.72
N THR A 4 -17.35 11.24 -8.25
CA THR A 4 -18.16 10.06 -8.05
C THR A 4 -18.85 10.09 -6.69
N GLY A 5 -18.35 10.87 -5.70
CA GLY A 5 -18.90 10.91 -4.36
C GLY A 5 -18.86 12.30 -3.78
N LYS A 6 -18.82 12.39 -2.44
CA LYS A 6 -18.74 13.64 -1.70
C LYS A 6 -17.30 14.19 -1.66
N LEU A 7 -16.29 13.32 -1.75
CA LEU A 7 -14.89 13.81 -1.57
C LEU A 7 -14.49 14.73 -2.74
N ARG A 8 -13.70 15.77 -2.45
CA ARG A 8 -13.09 16.61 -3.42
C ARG A 8 -11.61 16.83 -3.07
N PRO A 9 -10.74 17.19 -4.01
CA PRO A 9 -9.40 17.64 -3.62
C PRO A 9 -9.44 19.00 -2.92
N HIS A 10 -8.48 19.23 -2.02
CA HIS A 10 -8.38 20.46 -1.24
C HIS A 10 -6.98 21.05 -1.47
N TYR A 11 -6.89 21.97 -2.43
CA TYR A 11 -5.70 22.62 -2.90
C TYR A 11 -5.65 24.05 -2.39
N PRO A 12 -4.52 24.73 -2.63
CA PRO A 12 -3.22 24.25 -3.05
C PRO A 12 -2.57 23.36 -1.97
N LEU A 13 -1.62 22.58 -2.44
CA LEU A 13 -0.79 21.79 -1.57
C LEU A 13 0.34 22.69 -1.11
N MET A 14 0.93 22.31 -0.01
CA MET A 14 2.13 22.96 0.46
C MET A 14 3.26 22.66 -0.52
N PRO A 15 4.25 23.57 -0.60
CA PRO A 15 5.40 23.30 -1.47
C PRO A 15 6.01 21.92 -1.16
N THR A 16 6.59 21.31 -2.20
CA THR A 16 7.17 20.03 -2.09
CA THR A 16 7.25 20.04 -2.16
C THR A 16 8.21 20.00 -0.98
N ARG A 17 8.16 18.91 -0.21
CA ARG A 17 8.98 18.83 0.96
C ARG A 17 10.33 18.23 0.54
N PRO A 18 11.45 18.89 0.92
CA PRO A 18 12.79 18.39 0.57
C PRO A 18 13.25 17.22 1.46
N VAL A 19 14.06 16.35 0.89
CA VAL A 19 14.71 15.31 1.61
C VAL A 19 16.19 15.65 1.65
N PRO A 20 16.78 15.73 2.84
CA PRO A 20 18.19 16.12 2.93
C PRO A 20 19.03 15.18 2.07
N SER A 21 20.13 15.73 1.50
CA SER A 21 20.94 15.00 0.52
C SER A 21 21.70 13.81 1.13
N TYR A 22 21.81 13.70 2.47
CA TYR A 22 22.51 12.56 3.07
C TYR A 22 21.66 11.29 2.98
N ILE A 23 20.34 11.43 2.73
CA ILE A 23 19.46 10.29 2.55
C ILE A 23 19.69 9.73 1.14
N GLN A 24 19.90 8.44 1.02
CA GLN A 24 20.11 7.79 -0.23
C GLN A 24 18.76 7.81 -0.99
N ARG A 25 18.83 8.13 -2.28
CA ARG A 25 17.69 8.45 -3.08
C ARG A 25 17.56 7.38 -4.14
N PRO A 26 16.32 6.93 -4.45
CA PRO A 26 16.13 6.04 -5.57
C PRO A 26 16.34 6.78 -6.91
N ASP A 27 16.54 6.04 -8.00
CA ASP A 27 16.92 6.72 -9.28
C ASP A 27 15.86 7.71 -9.78
N TYR A 28 14.57 7.45 -9.54
CA TYR A 28 13.51 8.27 -10.04
C TYR A 28 13.36 9.61 -9.29
N ALA A 29 13.99 9.72 -8.11
CA ALA A 29 13.84 10.88 -7.26
C ALA A 29 14.27 12.15 -7.98
N ASP A 30 15.29 12.02 -8.87
CA ASP A 30 15.86 13.18 -9.54
C ASP A 30 15.56 13.15 -11.03
N HIS A 31 14.70 12.25 -11.47
CA HIS A 31 14.30 12.24 -12.87
C HIS A 31 13.20 13.28 -13.07
N PRO A 32 13.21 14.07 -14.16
CA PRO A 32 12.22 15.13 -14.25
C PRO A 32 10.74 14.68 -14.34
N LEU A 33 10.52 13.48 -14.87
CA LEU A 33 9.16 12.89 -14.92
C LEU A 33 9.00 11.78 -13.88
N GLY A 34 9.98 11.67 -12.97
CA GLY A 34 9.98 10.63 -11.91
C GLY A 34 9.99 9.22 -12.45
N MET A 35 10.58 8.99 -13.63
CA MET A 35 10.73 7.68 -14.17
CA MET A 35 10.76 7.67 -14.17
C MET A 35 11.97 6.99 -13.55
N SER A 36 11.91 5.66 -13.46
CA SER A 36 12.94 4.87 -12.87
C SER A 36 13.66 4.13 -13.99
N GLU A 37 14.94 4.46 -14.18
CA GLU A 37 15.76 3.80 -15.20
C GLU A 37 15.90 2.31 -14.86
N SER A 38 16.07 2.01 -13.57
CA SER A 38 16.20 0.58 -13.19
C SER A 38 14.89 -0.17 -13.45
N GLU A 39 13.72 0.47 -13.21
CA GLU A 39 12.44 -0.19 -13.49
CA GLU A 39 12.42 -0.14 -13.51
C GLU A 39 12.28 -0.38 -15.02
N GLN A 40 12.52 0.67 -15.79
CA GLN A 40 12.30 0.56 -17.21
C GLN A 40 13.20 -0.54 -17.78
N ALA A 41 14.38 -0.74 -17.18
CA ALA A 41 15.35 -1.73 -17.69
C ALA A 41 14.84 -3.15 -17.45
N LEU A 42 14.04 -3.34 -16.40
CA LEU A 42 13.47 -4.66 -16.12
C LEU A 42 12.02 -4.70 -16.60
N LYS A 43 11.52 -3.64 -17.23
CA LYS A 43 10.08 -3.57 -17.61
C LYS A 43 9.76 -4.75 -18.55
N GLY A 44 8.55 -5.30 -18.42
CA GLY A 44 8.12 -6.40 -19.28
C GLY A 44 8.58 -7.79 -18.84
N THR A 45 9.44 -7.91 -17.81
CA THR A 45 9.92 -9.26 -17.38
C THR A 45 8.82 -9.93 -16.53
N SER A 46 8.86 -11.27 -16.49
CA SER A 46 8.01 -12.05 -15.58
C SER A 46 8.85 -12.95 -14.68
N GLN A 47 10.18 -12.96 -14.89
CA GLN A 47 11.13 -13.60 -13.99
C GLN A 47 10.99 -12.99 -12.59
N ILE A 48 10.84 -13.85 -11.57
CA ILE A 48 10.70 -13.42 -10.19
C ILE A 48 12.05 -13.65 -9.49
N LYS A 49 12.59 -12.59 -8.88
CA LYS A 49 13.83 -12.63 -8.15
C LYS A 49 13.74 -13.59 -6.96
N LEU A 50 14.77 -14.42 -6.82
CA LEU A 50 15.01 -15.15 -5.57
C LEU A 50 16.01 -14.31 -4.78
N LEU A 51 15.58 -13.83 -3.60
CA LEU A 51 16.42 -12.95 -2.83
C LEU A 51 17.60 -13.71 -2.22
N SER A 52 18.76 -13.07 -2.26
CA SER A 52 19.99 -13.43 -1.51
C SER A 52 19.78 -13.13 -0.03
N SER A 53 20.66 -13.66 0.83
CA SER A 53 20.55 -13.41 2.27
C SER A 53 20.72 -11.91 2.54
N GLU A 54 21.58 -11.27 1.75
CA GLU A 54 21.79 -9.84 1.84
C GLU A 54 20.48 -9.11 1.53
N ASP A 55 19.79 -9.55 0.48
CA ASP A 55 18.51 -8.95 0.06
C ASP A 55 17.48 -9.11 1.18
N ILE A 56 17.46 -10.28 1.80
CA ILE A 56 16.52 -10.57 2.86
C ILE A 56 16.74 -9.63 4.05
N GLU A 57 18.00 -9.42 4.45
CA GLU A 57 18.28 -8.54 5.53
C GLU A 57 17.81 -7.14 5.16
N GLY A 58 18.09 -6.72 3.94
CA GLY A 58 17.74 -5.39 3.45
C GLY A 58 16.21 -5.21 3.48
N MET A 59 15.49 -6.25 3.09
CA MET A 59 14.00 -6.19 3.07
C MET A 59 13.45 -6.22 4.50
N ARG A 60 13.96 -7.09 5.36
CA ARG A 60 13.56 -7.04 6.76
C ARG A 60 13.73 -5.65 7.38
N LEU A 61 14.86 -4.98 7.15
CA LEU A 61 15.10 -3.69 7.71
C LEU A 61 14.09 -2.66 7.17
N VAL A 62 13.97 -2.55 5.85
CA VAL A 62 13.15 -1.43 5.31
C VAL A 62 11.68 -1.65 5.66
N CYS A 63 11.25 -2.91 5.74
CA CYS A 63 9.86 -3.27 6.07
C CYS A 63 9.56 -2.96 7.55
N ARG A 64 10.54 -3.21 8.44
CA ARG A 64 10.23 -2.89 9.81
CA ARG A 64 10.33 -2.90 9.84
C ARG A 64 10.25 -1.37 10.02
N LEU A 65 11.11 -0.60 9.31
CA LEU A 65 11.12 0.88 9.42
C LEU A 65 9.81 1.43 8.83
N ALA A 66 9.36 0.82 7.74
CA ALA A 66 8.05 1.20 7.16
C ALA A 66 6.91 1.04 8.17
N ARG A 67 6.89 -0.10 8.87
CA ARG A 67 5.94 -0.31 9.95
C ARG A 67 6.05 0.77 11.01
N GLU A 68 7.27 1.13 11.42
CA GLU A 68 7.35 2.17 12.40
C GLU A 68 6.68 3.47 11.92
N VAL A 69 6.89 3.78 10.65
CA VAL A 69 6.35 5.02 10.12
C VAL A 69 4.81 4.95 10.00
N LEU A 70 4.25 3.80 9.57
CA LEU A 70 2.80 3.68 9.54
CA LEU A 70 2.79 3.70 9.53
C LEU A 70 2.23 3.91 10.96
N ASP A 71 2.92 3.34 11.95
CA ASP A 71 2.48 3.46 13.35
C ASP A 71 2.50 4.93 13.78
N VAL A 72 3.44 5.74 13.29
CA VAL A 72 3.44 7.15 13.56
C VAL A 72 2.14 7.75 12.99
N ALA A 73 1.82 7.47 11.71
CA ALA A 73 0.63 7.96 11.08
C ALA A 73 -0.67 7.53 11.82
N ALA A 74 -0.71 6.29 12.30
CA ALA A 74 -1.85 5.70 12.96
C ALA A 74 -2.20 6.53 14.20
N GLY A 75 -1.17 7.02 14.86
CA GLY A 75 -1.30 7.74 16.12
C GLY A 75 -1.87 9.13 15.92
N MET A 76 -2.00 9.57 14.66
CA MET A 76 -2.55 10.91 14.34
C MET A 76 -3.97 10.89 13.76
N ILE A 77 -4.59 9.72 13.59
CA ILE A 77 -5.88 9.70 12.98
C ILE A 77 -6.95 10.16 13.97
N LYS A 78 -7.43 11.37 13.78
CA LYS A 78 -8.56 11.84 14.55
C LYS A 78 -9.28 12.92 13.76
N PRO A 79 -10.55 13.21 14.11
CA PRO A 79 -11.26 14.26 13.41
C PRO A 79 -10.46 15.57 13.50
N GLY A 80 -10.41 16.31 12.40
CA GLY A 80 -9.79 17.64 12.36
C GLY A 80 -8.38 17.64 11.74
N VAL A 81 -7.65 16.53 11.85
CA VAL A 81 -6.29 16.43 11.31
C VAL A 81 -6.40 16.36 9.79
N THR A 82 -5.57 17.11 9.05
CA THR A 82 -5.62 17.02 7.56
C THR A 82 -4.70 15.89 7.13
N THR A 83 -5.00 15.38 5.94
CA THR A 83 -4.10 14.31 5.37
C THR A 83 -2.72 14.88 5.03
N GLU A 84 -2.64 16.15 4.63
CA GLU A 84 -1.34 16.81 4.50
C GLU A 84 -0.49 16.81 5.78
N GLU A 85 -1.10 17.11 6.93
CA GLU A 85 -0.46 17.06 8.23
C GLU A 85 0.05 15.64 8.56
N ILE A 86 -0.76 14.64 8.22
CA ILE A 86 -0.24 13.24 8.36
C ILE A 86 1.00 13.04 7.49
N ASP A 87 0.90 13.46 6.22
CA ASP A 87 2.01 13.29 5.30
C ASP A 87 3.29 14.00 5.83
N HIS A 88 3.11 15.21 6.39
CA HIS A 88 4.26 15.97 6.90
C HIS A 88 4.96 15.12 7.96
N ALA A 89 4.17 14.55 8.86
CA ALA A 89 4.72 13.78 9.97
C ALA A 89 5.40 12.51 9.42
N VAL A 90 4.79 11.87 8.42
CA VAL A 90 5.34 10.71 7.81
C VAL A 90 6.68 11.07 7.16
N HIS A 91 6.71 12.20 6.44
CA HIS A 91 7.91 12.61 5.81
C HIS A 91 9.08 12.77 6.80
N LEU A 92 8.82 13.45 7.91
CA LEU A 92 9.84 13.64 8.94
C LEU A 92 10.22 12.31 9.59
N ALA A 93 9.26 11.39 9.72
CA ALA A 93 9.53 10.12 10.36
C ALA A 93 10.44 9.24 9.47
N CYS A 94 10.26 9.35 8.16
CA CYS A 94 11.09 8.63 7.18
CA CYS A 94 11.06 8.71 7.18
C CYS A 94 12.53 9.15 7.29
N ILE A 95 12.68 10.47 7.23
CA ILE A 95 14.02 11.09 7.31
C ILE A 95 14.71 10.72 8.63
N ALA A 96 13.93 10.71 9.73
CA ALA A 96 14.43 10.39 11.08
C ALA A 96 15.04 8.98 11.12
N ARG A 97 14.60 8.09 10.20
CA ARG A 97 15.05 6.72 10.07
C ARG A 97 15.97 6.53 8.87
N ASN A 98 16.48 7.63 8.31
CA ASN A 98 17.46 7.60 7.19
C ASN A 98 16.91 6.84 6.00
N CYS A 99 15.63 7.06 5.74
CA CYS A 99 14.95 6.50 4.64
C CYS A 99 14.39 7.62 3.75
N TYR A 100 14.26 7.28 2.47
CA TYR A 100 13.57 8.15 1.49
C TYR A 100 12.11 7.69 1.36
N PRO A 101 11.15 8.63 1.39
CA PRO A 101 9.73 8.27 1.19
C PRO A 101 9.50 7.89 -0.28
N SER A 102 9.34 6.58 -0.56
CA SER A 102 9.31 6.05 -1.91
C SER A 102 8.31 6.78 -2.80
N PRO A 103 7.11 7.23 -2.35
CA PRO A 103 6.17 7.85 -3.29
C PRO A 103 6.67 9.19 -3.87
N LEU A 104 7.61 9.83 -3.19
CA LEU A 104 7.91 11.20 -3.50
C LEU A 104 8.66 11.28 -4.84
N ASN A 105 7.96 11.96 -5.78
CA ASN A 105 8.40 12.10 -7.18
C ASN A 105 8.36 10.76 -7.92
N TYR A 106 7.76 9.70 -7.37
CA TYR A 106 7.52 8.51 -8.18
C TYR A 106 6.51 8.84 -9.29
N TYR A 107 7.00 8.92 -10.54
CA TYR A 107 6.25 9.45 -11.70
CA TYR A 107 6.18 9.44 -11.67
C TYR A 107 5.53 10.75 -11.29
N ASN A 108 6.30 11.61 -10.60
CA ASN A 108 5.95 12.95 -10.19
C ASN A 108 4.84 12.97 -9.14
N PHE A 109 4.57 11.82 -8.51
CA PHE A 109 3.67 11.79 -7.36
C PHE A 109 4.15 12.86 -6.40
N PRO A 110 3.28 13.76 -5.89
CA PRO A 110 3.78 14.95 -5.19
C PRO A 110 4.03 14.91 -3.68
N LYS A 111 3.69 13.78 -3.05
CA LYS A 111 3.71 13.68 -1.59
C LYS A 111 4.51 12.44 -1.20
N SER A 112 4.55 12.18 0.12
CA SER A 112 5.46 11.18 0.68
C SER A 112 4.73 9.95 1.21
N CYS A 113 3.43 9.87 0.97
CA CYS A 113 2.61 8.71 1.33
C CYS A 113 1.30 8.84 0.57
N CYS A 114 0.45 7.83 0.61
CA CYS A 114 -0.86 7.88 -0.01
C CYS A 114 -1.93 7.82 1.10
N THR A 115 -2.88 8.77 1.11
CA THR A 115 -3.94 8.85 2.07
C THR A 115 -5.26 8.76 1.32
N SER A 116 -5.99 7.66 1.53
CA SER A 116 -7.19 7.31 0.79
C SER A 116 -8.40 7.31 1.71
N VAL A 117 -9.29 8.28 1.49
CA VAL A 117 -10.49 8.45 2.29
C VAL A 117 -11.75 7.92 1.56
N ASN A 118 -12.57 7.15 2.29
CA ASN A 118 -13.95 6.74 1.85
C ASN A 118 -13.89 6.11 0.46
N GLU A 119 -14.43 6.76 -0.59
CA GLU A 119 -14.57 6.22 -1.94
C GLU A 119 -13.23 6.14 -2.65
N VAL A 120 -12.17 6.73 -2.08
CA VAL A 120 -10.83 6.54 -2.66
C VAL A 120 -10.40 5.09 -2.38
N ILE A 121 -9.99 4.43 -3.47
CA ILE A 121 -9.51 3.08 -3.46
C ILE A 121 -8.05 3.04 -3.01
N CYS A 122 -7.26 3.88 -3.67
CA CYS A 122 -5.82 3.93 -3.39
C CYS A 122 -5.23 5.19 -3.98
N HIS A 123 -3.97 5.50 -3.59
CA HIS A 123 -3.18 6.56 -4.15
C HIS A 123 -3.77 7.94 -3.97
N GLY A 124 -4.53 8.16 -2.91
CA GLY A 124 -4.99 9.46 -2.59
C GLY A 124 -3.81 10.36 -2.25
N ILE A 125 -3.92 11.63 -2.65
CA ILE A 125 -2.87 12.61 -2.41
C ILE A 125 -3.17 13.40 -1.18
N PRO A 126 -2.29 13.38 -0.17
CA PRO A 126 -2.47 14.19 1.03
C PRO A 126 -2.75 15.65 0.68
N ASP A 127 -3.75 16.25 1.38
CA ASP A 127 -4.22 17.60 0.97
C ASP A 127 -4.77 18.32 2.19
N ARG A 128 -5.42 19.49 1.98
CA ARG A 128 -5.83 20.33 3.10
C ARG A 128 -7.13 19.88 3.74
N ARG A 129 -7.73 18.75 3.33
CA ARG A 129 -8.98 18.37 3.87
C ARG A 129 -8.80 17.85 5.28
N PRO A 130 -9.46 18.42 6.31
CA PRO A 130 -9.52 17.78 7.63
C PRO A 130 -10.38 16.51 7.59
N LEU A 131 -9.88 15.45 8.22
CA LEU A 131 -10.62 14.25 8.40
C LEU A 131 -11.88 14.59 9.19
N GLN A 132 -12.97 13.94 8.80
CA GLN A 132 -14.30 14.11 9.38
C GLN A 132 -14.68 12.86 10.18
N GLU A 133 -15.32 13.08 11.33
CA GLU A 133 -15.87 11.98 12.10
C GLU A 133 -16.72 11.10 11.19
N GLY A 134 -16.52 9.79 11.21
CA GLY A 134 -17.27 8.92 10.34
C GLY A 134 -16.48 8.44 9.13
N ASP A 135 -15.41 9.16 8.80
CA ASP A 135 -14.51 8.78 7.69
C ASP A 135 -13.81 7.46 8.00
N ILE A 136 -13.47 6.73 6.90
CA ILE A 136 -12.42 5.75 6.91
C ILE A 136 -11.27 6.31 6.10
N VAL A 137 -10.03 6.09 6.59
CA VAL A 137 -8.82 6.54 5.89
C VAL A 137 -7.75 5.47 5.93
N ASN A 138 -7.21 5.18 4.73
CA ASN A 138 -6.08 4.31 4.58
C ASN A 138 -4.82 5.17 4.42
N VAL A 139 -3.78 4.82 5.18
CA VAL A 139 -2.45 5.36 4.99
C VAL A 139 -1.55 4.25 4.44
N ASP A 140 -0.92 4.47 3.27
CA ASP A 140 -0.05 3.52 2.58
C ASP A 140 1.33 4.13 2.60
N ILE A 141 2.21 3.42 3.29
CA ILE A 141 3.63 3.81 3.52
C ILE A 141 4.51 2.94 2.63
N THR A 142 5.32 3.59 1.79
CA THR A 142 6.46 2.92 1.15
CA THR A 142 6.46 2.93 1.16
C THR A 142 7.73 3.72 1.48
N LEU A 143 8.76 2.99 1.93
CA LEU A 143 10.09 3.54 2.31
C LEU A 143 11.15 2.90 1.46
N TYR A 144 12.26 3.63 1.35
CA TYR A 144 13.40 3.19 0.60
C TYR A 144 14.65 3.33 1.47
N ARG A 145 15.35 2.20 1.67
CA ARG A 145 16.55 2.22 2.46
C ARG A 145 17.61 1.29 1.85
N ASN A 146 18.83 1.82 1.66
CA ASN A 146 19.98 1.00 1.26
CA ASN A 146 19.98 0.98 1.28
C ASN A 146 19.63 0.18 0.01
N GLY A 147 18.85 0.77 -0.91
CA GLY A 147 18.49 0.14 -2.15
C GLY A 147 17.22 -0.71 -2.18
N TYR A 148 16.49 -0.85 -1.06
CA TYR A 148 15.32 -1.71 -0.94
C TYR A 148 14.11 -0.85 -0.57
N HIS A 149 12.95 -1.21 -1.15
CA HIS A 149 11.65 -0.61 -0.78
C HIS A 149 10.85 -1.59 0.09
N GLY A 150 10.07 -1.03 1.04
CA GLY A 150 9.11 -1.80 1.79
C GLY A 150 7.76 -1.11 1.74
N ASP A 151 6.70 -1.89 1.80
CA ASP A 151 5.31 -1.39 1.45
C ASP A 151 4.26 -1.99 2.39
N LEU A 152 3.43 -1.15 3.05
CA LEU A 152 2.34 -1.62 3.86
C LEU A 152 1.28 -0.52 3.99
N ASN A 153 0.05 -0.94 4.29
CA ASN A 153 -1.02 0.00 4.51
C ASN A 153 -2.03 -0.60 5.49
N GLU A 154 -2.76 0.29 6.16
CA GLU A 154 -3.91 -0.06 7.00
C GLU A 154 -5.00 0.95 6.73
N THR A 155 -6.25 0.53 6.94
CA THR A 155 -7.36 1.44 7.00
C THR A 155 -7.71 1.69 8.49
N PHE A 156 -8.02 2.95 8.78
CA PHE A 156 -8.32 3.43 10.11
C PHE A 156 -9.73 4.01 10.14
N PHE A 157 -10.31 4.07 11.35
CA PHE A 157 -11.55 4.75 11.58
C PHE A 157 -11.25 6.14 12.11
N VAL A 158 -12.05 7.12 11.69
CA VAL A 158 -11.96 8.51 12.22
C VAL A 158 -13.12 8.72 13.20
N GLY A 159 -12.80 8.70 14.50
CA GLY A 159 -13.83 8.69 15.52
C GLY A 159 -14.76 7.52 15.32
N GLU A 160 -16.04 7.73 15.57
CA GLU A 160 -17.04 6.67 15.48
C GLU A 160 -17.49 6.56 14.03
N VAL A 161 -17.59 5.32 13.57
CA VAL A 161 -18.00 5.06 12.23
C VAL A 161 -19.29 4.26 12.24
N ASP A 162 -19.94 4.19 11.09
CA ASP A 162 -21.21 3.41 11.00
C ASP A 162 -20.90 1.90 10.87
N ASP A 163 -21.93 1.06 11.03
CA ASP A 163 -21.77 -0.40 10.97
C ASP A 163 -21.22 -0.89 9.62
N GLY A 164 -21.64 -0.26 8.52
CA GLY A 164 -21.13 -0.54 7.18
C GLY A 164 -19.62 -0.39 7.13
N ALA A 165 -19.14 0.67 7.76
CA ALA A 165 -17.71 0.95 7.77
C ALA A 165 -16.99 -0.16 8.55
N ARG A 166 -17.55 -0.53 9.72
CA ARG A 166 -16.94 -1.56 10.53
C ARG A 166 -16.88 -2.88 9.76
N LYS A 167 -17.99 -3.28 9.13
CA LYS A 167 -18.03 -4.51 8.41
C LYS A 167 -17.06 -4.50 7.21
N LEU A 168 -16.99 -3.38 6.50
CA LEU A 168 -16.13 -3.32 5.31
C LEU A 168 -14.67 -3.47 5.73
N VAL A 169 -14.27 -2.72 6.76
CA VAL A 169 -12.86 -2.75 7.17
C VAL A 169 -12.49 -4.12 7.75
N GLN A 170 -13.34 -4.68 8.61
CA GLN A 170 -13.09 -6.03 9.17
C GLN A 170 -12.99 -7.05 8.03
N THR A 171 -13.94 -7.03 7.09
CA THR A 171 -13.94 -8.02 6.05
C THR A 171 -12.65 -7.91 5.23
N THR A 172 -12.24 -6.67 4.92
CA THR A 172 -11.02 -6.46 4.15
C THR A 172 -9.81 -7.07 4.87
N TYR A 173 -9.70 -6.84 6.19
CA TYR A 173 -8.56 -7.35 6.95
C TYR A 173 -8.56 -8.88 6.93
N GLU A 174 -9.76 -9.46 7.08
CA GLU A 174 -9.95 -10.91 6.98
C GLU A 174 -9.50 -11.42 5.62
N CYS A 175 -9.88 -10.74 4.53
CA CYS A 175 -9.44 -11.11 3.20
C CYS A 175 -7.92 -11.21 3.15
N LEU A 176 -7.27 -10.17 3.66
CA LEU A 176 -5.81 -10.13 3.67
C LEU A 176 -5.24 -11.33 4.43
N MET A 177 -5.72 -11.54 5.66
CA MET A 177 -5.14 -12.59 6.46
C MET A 177 -5.43 -13.98 5.88
N GLN A 178 -6.60 -14.19 5.30
CA GLN A 178 -6.88 -15.52 4.67
C GLN A 178 -5.89 -15.75 3.54
N ALA A 179 -5.63 -14.73 2.72
CA ALA A 179 -4.70 -14.82 1.64
C ALA A 179 -3.31 -15.12 2.19
N ILE A 180 -2.86 -14.40 3.20
CA ILE A 180 -1.55 -14.61 3.75
C ILE A 180 -1.42 -16.05 4.25
N ASP A 181 -2.47 -16.56 4.85
CA ASP A 181 -2.45 -17.87 5.52
C ASP A 181 -2.26 -18.98 4.47
N ALA A 182 -2.51 -18.65 3.20
CA ALA A 182 -2.32 -19.64 2.06
C ALA A 182 -0.92 -19.59 1.44
N VAL A 183 -0.10 -18.60 1.76
CA VAL A 183 1.14 -18.44 1.11
C VAL A 183 2.15 -19.47 1.61
N LYS A 184 2.73 -20.18 0.63
CA LYS A 184 3.83 -21.12 0.87
CA LYS A 184 3.84 -21.11 0.87
C LYS A 184 4.37 -21.60 -0.47
N PRO A 185 5.58 -22.23 -0.50
CA PRO A 185 6.11 -22.73 -1.75
C PRO A 185 5.09 -23.63 -2.41
N GLY A 186 4.97 -23.46 -3.73
CA GLY A 186 4.17 -24.34 -4.56
C GLY A 186 2.79 -23.83 -4.87
N VAL A 187 2.34 -22.74 -4.21
CA VAL A 187 1.01 -22.19 -4.47
C VAL A 187 1.12 -21.21 -5.65
N ARG A 188 0.13 -21.26 -6.52
CA ARG A 188 0.08 -20.41 -7.66
C ARG A 188 -0.29 -19.01 -7.18
N TYR A 189 0.38 -18.01 -7.72
CA TYR A 189 -0.02 -16.60 -7.35
C TYR A 189 -1.49 -16.34 -7.67
N ARG A 190 -2.04 -16.96 -8.73
CA ARG A 190 -3.41 -16.72 -9.11
C ARG A 190 -4.42 -17.23 -8.08
N GLU A 191 -4.02 -18.11 -7.17
CA GLU A 191 -4.96 -18.68 -6.23
C GLU A 191 -5.45 -17.67 -5.17
N LEU A 192 -4.60 -16.71 -4.84
CA LEU A 192 -4.91 -15.79 -3.72
C LEU A 192 -6.17 -15.00 -4.02
N GLY A 193 -6.37 -14.59 -5.29
CA GLY A 193 -7.60 -13.90 -5.69
C GLY A 193 -8.88 -14.72 -5.51
N ASN A 194 -8.78 -16.04 -5.69
CA ASN A 194 -9.93 -16.88 -5.43
C ASN A 194 -10.32 -16.84 -3.94
N ILE A 195 -9.32 -16.85 -3.07
CA ILE A 195 -9.61 -16.84 -1.65
C ILE A 195 -10.22 -15.49 -1.25
N ILE A 196 -9.62 -14.40 -1.75
CA ILE A 196 -10.08 -13.04 -1.36
C ILE A 196 -11.52 -12.80 -1.83
N GLN A 197 -11.79 -13.06 -3.12
CA GLN A 197 -13.09 -12.78 -3.67
C GLN A 197 -14.15 -13.63 -2.96
N LYS A 198 -13.82 -14.89 -2.67
CA LYS A 198 -14.77 -15.77 -1.96
C LYS A 198 -15.25 -15.10 -0.67
N HIS A 199 -14.29 -14.56 0.13
CA HIS A 199 -14.66 -13.96 1.40
C HIS A 199 -15.40 -12.62 1.20
N ALA A 200 -14.94 -11.81 0.25
CA ALA A 200 -15.53 -10.54 -0.02
C ALA A 200 -17.01 -10.71 -0.42
N GLN A 201 -17.22 -11.64 -1.34
CA GLN A 201 -18.54 -11.85 -1.96
C GLN A 201 -19.51 -12.41 -0.93
N ALA A 202 -18.98 -13.28 -0.07
CA ALA A 202 -19.78 -13.83 1.00
C ALA A 202 -20.29 -12.74 1.94
N ASN A 203 -19.59 -11.60 2.04
CA ASN A 203 -20.03 -10.47 2.88
C ASN A 203 -20.66 -9.31 2.09
N GLY A 204 -21.02 -9.52 0.82
CA GLY A 204 -21.75 -8.52 0.10
C GLY A 204 -20.86 -7.44 -0.52
N PHE A 205 -19.57 -7.73 -0.64
CA PHE A 205 -18.63 -6.73 -1.14
C PHE A 205 -18.01 -7.19 -2.47
N SER A 206 -17.40 -6.24 -3.19
CA SER A 206 -16.74 -6.48 -4.45
C SER A 206 -15.22 -6.21 -4.34
N VAL A 207 -14.46 -6.68 -5.35
CA VAL A 207 -13.00 -6.67 -5.34
C VAL A 207 -12.52 -5.81 -6.52
N VAL A 208 -11.68 -4.83 -6.22
CA VAL A 208 -11.10 -3.99 -7.21
C VAL A 208 -10.18 -4.82 -8.11
N ARG A 209 -10.25 -4.53 -9.42
CA ARG A 209 -9.60 -5.33 -10.49
C ARG A 209 -8.36 -4.62 -11.07
N SER A 210 -8.30 -3.28 -11.05
CA SER A 210 -7.29 -2.51 -11.78
C SER A 210 -5.95 -2.36 -11.03
N TYR A 211 -5.95 -2.71 -9.74
CA TYR A 211 -4.73 -2.63 -8.93
C TYR A 211 -4.52 -4.01 -8.30
N CYS A 212 -3.25 -4.32 -8.00
CA CYS A 212 -2.84 -5.67 -7.62
CA CYS A 212 -2.89 -5.67 -7.55
C CYS A 212 -1.70 -5.60 -6.58
N GLY A 213 -1.51 -6.71 -5.85
CA GLY A 213 -0.26 -6.87 -5.14
C GLY A 213 0.87 -7.06 -6.14
N HIS A 214 2.10 -6.96 -5.69
CA HIS A 214 3.23 -6.82 -6.59
C HIS A 214 4.50 -7.28 -5.90
N GLY A 215 5.42 -7.81 -6.71
CA GLY A 215 6.78 -7.92 -6.25
C GLY A 215 7.33 -6.56 -5.83
N ILE A 216 8.26 -6.58 -4.89
CA ILE A 216 8.90 -5.42 -4.38
C ILE A 216 10.26 -5.84 -3.81
N HIS A 217 11.29 -5.07 -4.12
CA HIS A 217 12.61 -5.24 -3.50
C HIS A 217 13.46 -4.04 -3.95
N LYS A 218 14.38 -4.22 -4.93
CA LYS A 218 15.17 -3.13 -5.42
C LYS A 218 14.34 -2.22 -6.34
N LEU A 219 13.24 -2.76 -6.88
CA LEU A 219 12.21 -1.98 -7.58
C LEU A 219 10.99 -1.83 -6.68
N LEU A 220 10.26 -0.74 -6.87
CA LEU A 220 9.08 -0.47 -6.06
C LEU A 220 7.95 -1.43 -6.43
N HIS A 221 7.86 -1.77 -7.73
CA HIS A 221 6.97 -2.83 -8.17
C HIS A 221 7.64 -3.56 -9.32
N THR A 222 7.48 -4.87 -9.26
CA THR A 222 7.98 -5.77 -10.26
C THR A 222 7.24 -7.09 -10.14
N ALA A 223 7.68 -8.11 -10.89
CA ALA A 223 7.02 -9.40 -10.88
C ALA A 223 7.15 -10.04 -9.49
N PRO A 224 6.14 -10.76 -9.00
CA PRO A 224 4.89 -11.02 -9.72
C PRO A 224 3.77 -10.00 -9.59
N ASN A 225 2.79 -10.09 -10.49
CA ASN A 225 1.53 -9.39 -10.37
CA ASN A 225 1.53 -9.38 -10.38
C ASN A 225 0.59 -10.31 -9.60
N VAL A 226 -0.09 -9.77 -8.56
CA VAL A 226 -0.90 -10.58 -7.72
C VAL A 226 -2.28 -9.96 -7.63
N PRO A 227 -3.22 -10.29 -8.55
CA PRO A 227 -4.59 -9.81 -8.49
C PRO A 227 -5.34 -10.38 -7.28
N HIS A 228 -6.40 -9.68 -6.84
CA HIS A 228 -7.13 -10.04 -5.66
C HIS A 228 -8.51 -10.63 -5.99
N TYR A 229 -8.86 -10.74 -7.29
CA TYR A 229 -10.18 -11.26 -7.69
C TYR A 229 -10.01 -12.67 -8.27
N ALA A 230 -11.13 -13.39 -8.31
CA ALA A 230 -11.13 -14.82 -8.66
C ALA A 230 -10.88 -15.01 -10.16
N LYS A 231 -10.25 -16.14 -10.49
CA LYS A 231 -10.14 -16.61 -11.85
C LYS A 231 -9.37 -15.58 -12.66
N ASN A 232 -8.26 -15.14 -12.07
CA ASN A 232 -7.40 -14.24 -12.72
C ASN A 232 -6.34 -15.07 -13.45
N LYS A 233 -5.53 -14.40 -14.23
CA LYS A 233 -4.63 -15.13 -15.10
C LYS A 233 -3.18 -14.93 -14.66
N ALA A 234 -2.95 -14.62 -13.39
CA ALA A 234 -1.61 -14.30 -12.93
C ALA A 234 -0.68 -15.48 -13.19
N VAL A 235 0.55 -15.15 -13.56
CA VAL A 235 1.56 -16.11 -13.92
C VAL A 235 2.48 -16.29 -12.72
N GLY A 236 2.77 -17.54 -12.41
CA GLY A 236 3.90 -17.83 -11.52
C GLY A 236 3.50 -18.61 -10.28
N VAL A 237 4.52 -19.23 -9.70
CA VAL A 237 4.36 -20.11 -8.57
C VAL A 237 5.29 -19.63 -7.46
N MET A 238 4.77 -19.63 -6.23
CA MET A 238 5.50 -19.20 -5.09
C MET A 238 6.65 -20.15 -4.78
N LYS A 239 7.79 -19.55 -4.45
CA LYS A 239 9.00 -20.27 -4.07
C LYS A 239 9.67 -19.51 -2.93
N SER A 240 10.34 -20.25 -2.05
CA SER A 240 11.09 -19.71 -0.95
C SER A 240 12.10 -18.68 -1.47
N GLY A 241 12.04 -17.45 -0.92
CA GLY A 241 12.90 -16.34 -1.32
C GLY A 241 12.17 -15.31 -2.22
N HIS A 242 10.91 -15.60 -2.60
CA HIS A 242 10.08 -14.59 -3.27
C HIS A 242 9.60 -13.56 -2.25
N VAL A 243 9.57 -12.29 -2.67
CA VAL A 243 8.96 -11.21 -1.87
CA VAL A 243 9.02 -11.17 -1.88
C VAL A 243 7.97 -10.43 -2.73
N PHE A 244 6.80 -10.23 -2.13
CA PHE A 244 5.72 -9.58 -2.84
C PHE A 244 4.72 -9.03 -1.83
N THR A 245 3.79 -8.19 -2.30
CA THR A 245 2.73 -7.73 -1.44
C THR A 245 1.41 -8.41 -1.76
N ILE A 246 0.50 -8.42 -0.78
CA ILE A 246 -0.87 -8.71 -0.91
C ILE A 246 -1.61 -7.50 -0.32
N GLU A 247 -2.56 -6.94 -1.07
CA GLU A 247 -3.12 -5.61 -0.69
C GLU A 247 -4.56 -5.44 -1.16
N PRO A 248 -5.44 -6.36 -0.81
CA PRO A 248 -6.81 -6.31 -1.31
C PRO A 248 -7.54 -4.99 -1.06
N MET A 249 -8.15 -4.45 -2.13
CA MET A 249 -9.06 -3.29 -2.07
C MET A 249 -10.49 -3.82 -2.31
N ILE A 250 -11.31 -3.66 -1.31
CA ILE A 250 -12.66 -4.21 -1.27
C ILE A 250 -13.66 -3.07 -1.24
N CYS A 251 -14.87 -3.24 -1.83
CA CYS A 251 -15.76 -2.12 -2.01
C CYS A 251 -17.17 -2.50 -1.57
N GLU A 252 -17.88 -1.49 -1.02
CA GLU A 252 -19.29 -1.62 -0.57
C GLU A 252 -20.23 -1.86 -1.74
N GLY A 253 -19.92 -1.24 -2.87
CA GLY A 253 -20.71 -1.25 -4.06
C GLY A 253 -20.02 -2.11 -5.09
N GLY A 254 -19.97 -1.61 -6.33
CA GLY A 254 -19.35 -2.27 -7.45
C GLY A 254 -17.85 -2.11 -7.44
N TRP A 255 -17.17 -2.91 -8.23
CA TRP A 255 -15.71 -2.96 -8.21
C TRP A 255 -15.09 -1.90 -9.13
N GLN A 256 -15.86 -1.31 -10.04
CA GLN A 256 -15.28 -0.48 -11.10
C GLN A 256 -14.59 0.75 -10.46
N ASP A 257 -13.45 1.11 -11.04
CA ASP A 257 -12.70 2.27 -10.55
C ASP A 257 -12.53 3.25 -11.69
N GLU A 258 -12.21 4.50 -11.31
CA GLU A 258 -11.75 5.54 -12.25
C GLU A 258 -10.77 6.47 -11.55
N THR A 259 -10.08 7.31 -12.31
CA THR A 259 -9.00 8.13 -11.79
C THR A 259 -9.37 9.62 -11.90
N TRP A 260 -9.19 10.38 -10.80
CA TRP A 260 -9.30 11.82 -10.78
C TRP A 260 -8.37 12.47 -11.80
N PRO A 261 -8.69 13.71 -12.19
CA PRO A 261 -7.81 14.50 -13.05
C PRO A 261 -6.37 14.67 -12.54
N ASP A 262 -6.13 14.44 -11.25
CA ASP A 262 -4.77 14.54 -10.72
C ASP A 262 -3.87 13.43 -11.27
N GLY A 263 -4.48 12.39 -11.86
CA GLY A 263 -3.79 11.30 -12.43
C GLY A 263 -3.45 10.16 -11.47
N TRP A 264 -3.81 10.31 -10.20
CA TRP A 264 -3.44 9.36 -9.18
C TRP A 264 -4.63 8.82 -8.41
N THR A 265 -5.52 9.70 -7.93
CA THR A 265 -6.52 9.31 -6.98
C THR A 265 -7.51 8.34 -7.66
N ALA A 266 -7.50 7.08 -7.20
CA ALA A 266 -8.39 6.07 -7.73
C ALA A 266 -9.64 6.01 -6.87
N VAL A 267 -10.84 6.07 -7.50
CA VAL A 267 -12.05 6.16 -6.77
C VAL A 267 -13.03 5.12 -7.33
N THR A 268 -13.91 4.64 -6.47
CA THR A 268 -15.06 3.85 -6.97
C THR A 268 -15.89 4.70 -7.95
N ARG A 269 -16.27 4.08 -9.06
CA ARG A 269 -17.14 4.78 -10.02
C ARG A 269 -18.52 5.08 -9.44
N ASP A 270 -18.98 4.30 -8.45
CA ASP A 270 -20.27 4.52 -7.82
C ASP A 270 -20.20 5.41 -6.57
N GLY A 271 -18.98 5.80 -6.10
CA GLY A 271 -18.92 6.70 -4.96
C GLY A 271 -19.08 6.03 -3.60
N LYS A 272 -19.21 4.69 -3.57
CA LYS A 272 -19.33 3.95 -2.31
C LYS A 272 -17.91 3.68 -1.76
N ARG A 273 -17.81 3.28 -0.50
CA ARG A 273 -16.47 3.22 0.18
C ARG A 273 -15.72 1.98 -0.28
N SER A 274 -14.38 2.09 -0.17
CA SER A 274 -13.46 1.02 -0.41
C SER A 274 -12.38 1.05 0.69
N ALA A 275 -12.03 -0.14 1.19
CA ALA A 275 -11.02 -0.30 2.22
C ALA A 275 -9.93 -1.23 1.72
N GLN A 276 -8.73 -1.09 2.31
CA GLN A 276 -7.56 -1.82 1.93
C GLN A 276 -6.68 -2.10 3.14
N PHE A 277 -5.99 -3.24 3.11
CA PHE A 277 -4.85 -3.55 3.98
C PHE A 277 -3.75 -4.20 3.13
N GLU A 278 -2.50 -4.04 3.57
CA GLU A 278 -1.37 -4.50 2.78
C GLU A 278 -0.22 -4.89 3.72
N HIS A 279 0.43 -6.02 3.37
CA HIS A 279 1.69 -6.41 3.92
C HIS A 279 2.64 -6.80 2.77
N THR A 280 3.94 -6.67 3.07
CA THR A 280 5.03 -7.23 2.28
C THR A 280 5.37 -8.59 2.89
N LEU A 281 5.43 -9.63 2.04
CA LEU A 281 5.60 -11.01 2.48
C LEU A 281 6.89 -11.59 1.88
N LEU A 282 7.60 -12.39 2.69
CA LEU A 282 8.76 -13.17 2.20
C LEU A 282 8.35 -14.64 2.30
N VAL A 283 8.36 -15.33 1.18
CA VAL A 283 8.05 -16.79 1.16
C VAL A 283 9.24 -17.56 1.75
N THR A 284 8.93 -18.48 2.67
CA THR A 284 9.93 -19.32 3.34
C THR A 284 9.50 -20.77 3.12
N ASP A 285 10.33 -21.70 3.60
CA ASP A 285 10.06 -23.12 3.42
C ASP A 285 8.75 -23.51 4.11
N THR A 286 8.42 -22.93 5.26
CA THR A 286 7.23 -23.34 5.99
C THR A 286 5.99 -22.51 5.62
N GLY A 287 6.17 -21.42 4.87
CA GLY A 287 5.07 -20.50 4.63
C GLY A 287 5.59 -19.14 4.18
N CYS A 288 5.40 -18.15 5.04
CA CYS A 288 5.91 -16.79 4.79
C CYS A 288 6.18 -16.03 6.08
N GLU A 289 7.08 -15.07 5.94
CA GLU A 289 7.45 -14.08 6.96
CA GLU A 289 7.35 -14.11 6.99
C GLU A 289 6.63 -12.82 6.59
N ILE A 290 5.90 -12.26 7.54
CA ILE A 290 5.22 -11.01 7.29
C ILE A 290 6.19 -9.89 7.70
N LEU A 291 6.86 -9.30 6.72
CA LEU A 291 8.01 -8.37 6.96
C LEU A 291 7.52 -7.08 7.58
N THR A 292 6.27 -6.72 7.25
CA THR A 292 5.66 -5.43 7.71
C THR A 292 4.75 -5.62 8.92
N ARG A 293 4.86 -6.77 9.61
CA ARG A 293 4.03 -6.99 10.72
C ARG A 293 4.26 -5.96 11.83
N ARG A 294 3.18 -5.73 12.55
CA ARG A 294 3.18 -5.02 13.84
CA ARG A 294 3.27 -4.97 13.80
C ARG A 294 3.97 -5.88 14.82
N LEU A 295 4.94 -5.31 15.54
CA LEU A 295 5.74 -6.11 16.46
C LEU A 295 5.19 -5.97 17.89
N ASP A 296 4.54 -4.85 18.21
CA ASP A 296 4.19 -4.56 19.61
C ASP A 296 2.71 -4.90 19.84
N SER A 297 2.03 -5.50 18.85
CA SER A 297 0.62 -5.88 19.00
C SER A 297 0.26 -6.95 17.96
N ALA A 298 -0.60 -7.87 18.36
CA ALA A 298 -1.04 -8.98 17.51
C ALA A 298 -2.00 -8.49 16.40
N ARG A 299 -2.53 -7.27 16.55
CA ARG A 299 -3.72 -6.80 15.81
C ARG A 299 -3.43 -5.47 15.10
N PRO A 300 -4.14 -5.18 14.00
CA PRO A 300 -4.07 -3.88 13.35
C PRO A 300 -4.70 -2.77 14.18
N HIS A 301 -4.43 -1.52 13.84
CA HIS A 301 -4.86 -0.42 14.67
C HIS A 301 -6.38 -0.31 14.79
N PHE A 302 -7.15 -0.63 13.75
CA PHE A 302 -8.60 -0.39 13.80
C PHE A 302 -9.29 -1.22 14.92
N MET A 303 -8.63 -2.28 15.37
CA MET A 303 -9.21 -3.15 16.38
CA MET A 303 -9.20 -3.17 16.38
C MET A 303 -9.01 -2.60 17.79
N SER A 304 -8.33 -1.44 17.92
CA SER A 304 -8.05 -0.89 19.28
C SER A 304 -9.34 -0.65 20.06
CO CO B . 1.90 -2.27 -2.65
CO CO C . 1.31 0.20 -0.78
CO CO D . 6.34 2.04 -12.21
NA NA E . -11.25 4.18 0.74
C5 OVA F . -1.34 -1.43 -5.98
C4 OVA F . -0.73 -1.57 -7.39
C3 OVA F . 0.63 -1.07 -7.59
C2 OVA F . 0.58 0.44 -7.33
C1 OVA F . 0.09 0.69 -5.85
C6 OVA F . -1.32 0.04 -5.65
O11 OVA F . 1.11 0.12 -5.03
C11 OVA F . 0.09 2.16 -5.42
C21 OVA F . 1.91 1.06 -7.76
C22 OVA F . 1.82 2.56 -7.96
C23 OVA F . 3.03 3.51 -7.74
C24 OVA F . 3.33 3.68 -6.25
C25 OVA F . 3.19 4.79 -5.53
C2A OVA F . 3.20 0.46 -7.19
O2A OVA F . 2.07 1.61 -9.09
C2B OVA F . 2.66 6.06 -6.05
C2C OVA F . 3.47 4.76 -4.04
O31 OVA F . 1.15 -1.22 -8.93
C31 OVA F . 1.53 -2.60 -9.03
O41 OVA F . -1.39 -2.04 -8.26
O1 OVA F . -0.44 0.90 -8.22
#